data_4N3N
#
_entry.id   4N3N
#
_cell.length_a   111.470
_cell.length_b   111.470
_cell.length_c   115.210
_cell.angle_alpha   90.000
_cell.angle_beta   90.000
_cell.angle_gamma   120.000
#
_symmetry.space_group_name_H-M   'P 32 2 1'
#
loop_
_entity.id
_entity.type
_entity.pdbx_description
1 polymer 'Eukaryotic translation initiation factor 5B-like protein, eIF5B(517-C)'
2 non-polymer 'LACTIC ACID'
3 water water
#
_entity_poly.entity_id   1
_entity_poly.type   'polypeptide(L)'
_entity_poly.pdbx_seq_one_letter_code
;SHMNKDNLRSPICCILGHVDTGKTKLLDKIRQTNVQEGEAGGITQQIGATYFPVEAIKQKTAVVNKDGKFEFKVPGLLII
DTPGHESFSNLRSRGSSLCNIAILVVDIMHGLEPQTIESLRLLRERKTPFVVALNKIDRLYGWKKIENNGFRESFALQNK
AVQNEFRNRLDQVKLQFAEQGFNSELFYENKNFARYVSLVPTSAHTGEGIPDMLKLIVQLCQERMASSLMYLSELQATVL
EVKAIEGFGVTIDVILSNGILREGDRIVLCGLEGPIKTNIRALLTPAPMRELRIKGQYIHHKEVKAAQGVKISAPGLEGA
IAGSRLLVVGPDDDEEELEEEVESDLQSLFSRVEKTGKGVSVQASTLGSLEALLDFLKDCKIPVANVGIGPVYKRDVMQC
GIMLEKAPDYAVMLCFDVKVDKEAQQYADENGIKIFTADIIYHLFDQFTKHMQEQLEKKKEESKMLAVFPCVLNPVAVFN
KTNPIVVGVDVVDGQLKLNTPIAAVKMNPTTGQKEIISLGRVTGIERDHKPLQVCKKGQPAVAIKIEMGGHQPAYGRHLD
EKDVLYSHISRASIDVLKQFYRDVVTTDEWQLIIKLKSVFDVQ
;
_entity_poly.pdbx_strand_id   A
#
# COMPACT_ATOMS: atom_id res chain seq x y z
N SER A 1 -11.58 -41.19 0.07
CA SER A 1 -11.86 -42.10 -1.03
C SER A 1 -10.74 -42.10 -2.07
N HIS A 2 -10.89 -42.90 -3.11
CA HIS A 2 -9.95 -42.91 -4.23
C HIS A 2 -10.67 -42.73 -5.56
N MET A 3 -10.25 -41.72 -6.31
CA MET A 3 -10.76 -41.49 -7.66
C MET A 3 -9.67 -41.84 -8.67
N ASN A 4 -10.04 -41.99 -9.93
CA ASN A 4 -9.07 -42.30 -10.97
C ASN A 4 -8.04 -41.18 -11.13
N LYS A 5 -6.77 -41.51 -10.86
CA LYS A 5 -5.66 -40.58 -11.00
C LYS A 5 -5.88 -39.32 -10.16
N ASP A 6 -6.01 -39.51 -8.85
CA ASP A 6 -6.30 -38.42 -7.93
C ASP A 6 -5.07 -37.95 -7.16
N ASN A 7 -3.91 -38.49 -7.51
CA ASN A 7 -2.68 -38.10 -6.84
C ASN A 7 -2.10 -36.80 -7.40
N LEU A 8 -1.63 -35.94 -6.51
CA LEU A 8 -1.19 -34.62 -6.89
C LEU A 8 0.22 -34.34 -6.41
N ARG A 9 0.91 -33.44 -7.10
CA ARG A 9 2.29 -33.15 -6.75
C ARG A 9 2.32 -32.42 -5.40
N SER A 10 3.51 -32.31 -4.79
CA SER A 10 3.62 -31.73 -3.46
C SER A 10 3.26 -30.24 -3.45
N PRO A 11 2.40 -29.83 -2.49
CA PRO A 11 2.03 -28.41 -2.36
C PRO A 11 3.09 -27.59 -1.63
N ILE A 12 3.03 -26.28 -1.77
CA ILE A 12 3.99 -25.39 -1.14
C ILE A 12 3.30 -24.46 -0.15
N CYS A 13 3.88 -24.33 1.03
CA CYS A 13 3.31 -23.46 2.06
C CYS A 13 4.40 -22.67 2.75
N CYS A 14 4.04 -21.54 3.34
CA CYS A 14 5.00 -20.70 4.06
C CYS A 14 4.45 -20.18 5.37
N ILE A 15 5.33 -19.80 6.28
CA ILE A 15 4.92 -19.26 7.56
C ILE A 15 5.44 -17.84 7.72
N LEU A 16 4.59 -16.95 8.22
CA LEU A 16 4.92 -15.54 8.30
C LEU A 16 4.96 -15.02 9.73
N GLY A 17 6.02 -14.30 10.05
CA GLY A 17 6.20 -13.73 11.37
C GLY A 17 7.48 -12.94 11.44
N GLY A 22 6.96 -15.42 16.93
CA GLY A 22 6.93 -16.81 17.33
C GLY A 22 7.01 -17.77 16.16
N LYS A 23 7.14 -17.22 14.96
CA LYS A 23 7.23 -18.01 13.73
C LYS A 23 8.42 -18.98 13.72
N THR A 24 9.62 -18.43 13.93
CA THR A 24 10.86 -19.20 13.82
C THR A 24 10.89 -20.37 14.78
N LYS A 25 10.38 -20.17 15.99
CA LYS A 25 10.30 -21.26 16.94
C LYS A 25 9.38 -22.34 16.38
N LEU A 26 8.27 -21.91 15.80
CA LEU A 26 7.28 -22.85 15.27
C LEU A 26 7.82 -23.66 14.10
N LEU A 27 8.54 -23.02 13.20
CA LEU A 27 9.16 -23.73 12.10
C LEU A 27 10.19 -24.69 12.65
N ASP A 28 10.94 -24.22 13.63
CA ASP A 28 11.97 -25.04 14.27
C ASP A 28 11.37 -26.26 14.94
N LYS A 29 10.24 -26.09 15.60
CA LYS A 29 9.55 -27.21 16.24
C LYS A 29 9.05 -28.20 15.20
N ILE A 30 8.60 -27.68 14.06
CA ILE A 30 8.16 -28.53 12.96
C ILE A 30 9.31 -29.35 12.35
N ARG A 31 10.45 -28.70 12.11
CA ARG A 31 11.61 -29.36 11.53
C ARG A 31 12.22 -30.40 12.48
N GLN A 32 11.96 -30.25 13.77
CA GLN A 32 12.54 -31.14 14.76
C GLN A 32 12.17 -32.60 14.52
N THR A 33 13.18 -33.45 14.39
CA THR A 33 12.96 -34.89 14.24
C THR A 33 14.09 -35.70 14.88
N ASN A 34 13.74 -36.85 15.45
CA ASN A 34 14.73 -37.73 16.06
C ASN A 34 15.33 -38.70 15.04
N VAL A 35 14.71 -38.77 13.87
CA VAL A 35 15.12 -39.69 12.82
C VAL A 35 16.49 -39.34 12.22
N GLN A 36 17.33 -40.36 12.03
CA GLN A 36 18.61 -40.18 11.35
C GLN A 36 19.07 -41.50 10.73
N ALA A 40 12.12 -44.05 6.22
CA ALA A 40 12.13 -43.82 7.66
C ALA A 40 12.54 -42.38 7.95
N GLY A 41 11.55 -41.54 8.24
CA GLY A 41 11.78 -40.13 8.47
C GLY A 41 12.41 -39.47 7.27
N GLY A 42 13.39 -38.59 7.53
CA GLY A 42 14.11 -37.93 6.46
C GLY A 42 13.49 -36.62 6.05
N ILE A 43 14.27 -35.55 6.17
CA ILE A 43 13.80 -34.20 5.87
C ILE A 43 14.91 -33.44 5.16
N THR A 44 14.59 -32.78 4.05
CA THR A 44 15.64 -32.16 3.24
C THR A 44 15.71 -30.65 3.43
N GLN A 45 16.92 -30.11 3.57
CA GLN A 45 17.08 -28.67 3.56
C GLN A 45 17.40 -28.23 2.13
N GLN A 46 16.64 -27.25 1.64
CA GLN A 46 16.81 -26.74 0.27
C GLN A 46 17.03 -25.23 0.28
N ILE A 47 17.51 -24.71 -0.84
CA ILE A 47 17.73 -23.28 -0.99
C ILE A 47 16.43 -22.52 -0.75
N GLY A 48 16.37 -21.80 0.35
CA GLY A 48 15.20 -21.01 0.69
C GLY A 48 14.00 -21.82 1.14
N ALA A 49 14.17 -23.12 1.34
CA ALA A 49 13.04 -23.95 1.73
C ALA A 49 13.41 -25.22 2.50
N THR A 50 12.40 -25.94 2.95
CA THR A 50 12.58 -27.21 3.65
C THR A 50 11.55 -28.22 3.14
N TYR A 51 12.02 -29.34 2.59
CA TYR A 51 11.12 -30.35 2.05
C TYR A 51 10.84 -31.48 3.05
N PHE A 52 9.56 -31.83 3.15
CA PHE A 52 9.12 -32.90 4.03
C PHE A 52 8.47 -34.01 3.18
N PRO A 53 9.12 -35.16 3.13
CA PRO A 53 8.55 -36.29 2.40
C PRO A 53 7.32 -36.80 3.12
N VAL A 54 6.46 -37.51 2.41
CA VAL A 54 5.15 -37.87 2.89
C VAL A 54 5.26 -38.68 4.17
N GLU A 55 6.27 -39.54 4.23
CA GLU A 55 6.43 -40.39 5.40
C GLU A 55 6.62 -39.52 6.63
N ALA A 56 7.39 -38.46 6.51
CA ALA A 56 7.62 -37.57 7.64
C ALA A 56 6.31 -36.97 8.15
N ILE A 57 5.48 -36.52 7.22
CA ILE A 57 4.18 -35.95 7.57
C ILE A 57 3.30 -36.99 8.27
N LYS A 58 3.22 -38.19 7.70
CA LYS A 58 2.51 -39.30 8.31
C LYS A 58 2.94 -39.46 9.77
N GLN A 59 4.26 -39.53 9.98
CA GLN A 59 4.82 -39.66 11.33
C GLN A 59 4.34 -38.54 12.24
N LYS A 60 4.45 -37.30 11.76
CA LYS A 60 4.12 -36.15 12.58
C LYS A 60 2.61 -35.90 12.71
N THR A 61 1.81 -36.72 12.04
CA THR A 61 0.35 -36.57 12.06
C THR A 61 -0.33 -37.81 12.62
N ALA A 62 0.45 -38.82 12.96
CA ALA A 62 -0.10 -40.10 13.39
C ALA A 62 -1.05 -39.97 14.58
N VAL A 63 -0.67 -39.16 15.56
CA VAL A 63 -1.46 -38.99 16.78
C VAL A 63 -2.85 -38.38 16.54
N VAL A 64 -2.99 -37.62 15.47
CA VAL A 64 -4.29 -37.11 15.06
C VAL A 64 -4.94 -38.06 14.08
N ASN A 65 -4.20 -39.10 13.70
CA ASN A 65 -4.72 -40.10 12.79
C ASN A 65 -4.45 -41.51 13.31
N LYS A 66 -5.09 -41.84 14.42
CA LYS A 66 -4.93 -43.15 15.03
C LYS A 66 -5.42 -44.27 14.13
N ASP A 67 -6.57 -44.04 13.50
CA ASP A 67 -7.21 -45.05 12.66
C ASP A 67 -6.52 -45.20 11.31
N GLY A 68 -5.99 -44.11 10.78
CA GLY A 68 -5.33 -44.14 9.48
C GLY A 68 -6.29 -43.87 8.34
N LYS A 69 -7.51 -43.47 8.69
CA LYS A 69 -8.56 -43.23 7.70
C LYS A 69 -8.28 -42.07 6.75
N PHE A 70 -7.48 -41.11 7.20
CA PHE A 70 -7.12 -39.98 6.34
C PHE A 70 -6.12 -40.43 5.30
N GLU A 71 -6.46 -40.21 4.03
CA GLU A 71 -5.62 -40.64 2.92
C GLU A 71 -4.79 -39.51 2.34
N PHE A 72 -3.51 -39.78 2.10
CA PHE A 72 -2.61 -38.83 1.47
C PHE A 72 -2.54 -39.05 -0.04
N LYS A 73 -2.57 -37.97 -0.79
CA LYS A 73 -2.53 -38.03 -2.24
C LYS A 73 -1.38 -37.17 -2.79
N VAL A 74 -0.47 -36.78 -1.89
CA VAL A 74 0.68 -35.97 -2.25
C VAL A 74 1.97 -36.67 -1.81
N PRO A 75 3.09 -36.40 -2.50
CA PRO A 75 4.35 -37.05 -2.15
C PRO A 75 5.08 -36.33 -1.03
N GLY A 76 4.82 -35.04 -0.89
CA GLY A 76 5.58 -34.22 0.02
C GLY A 76 4.93 -32.90 0.32
N LEU A 77 5.43 -32.20 1.33
CA LEU A 77 5.07 -30.82 1.57
C LEU A 77 6.34 -29.97 1.54
N LEU A 78 6.30 -28.87 0.80
CA LEU A 78 7.46 -27.99 0.77
C LEU A 78 7.15 -26.71 1.52
N ILE A 79 7.98 -26.40 2.51
CA ILE A 79 7.76 -25.21 3.34
C ILE A 79 8.83 -24.17 3.08
N ILE A 80 8.43 -23.03 2.54
CA ILE A 80 9.38 -21.96 2.24
C ILE A 80 9.68 -21.14 3.50
N ASP A 81 10.97 -20.92 3.76
N ASP A 81 10.97 -20.91 3.76
CA ASP A 81 11.40 -20.17 4.94
CA ASP A 81 11.40 -20.19 4.95
C ASP A 81 12.12 -18.91 4.52
C ASP A 81 12.13 -18.89 4.65
N THR A 82 11.38 -17.81 4.42
CA THR A 82 11.98 -16.52 4.12
C THR A 82 11.51 -15.47 5.14
N PRO A 83 12.37 -14.48 5.42
CA PRO A 83 12.03 -13.47 6.43
C PRO A 83 11.02 -12.43 5.97
N GLY A 84 10.59 -12.50 4.71
CA GLY A 84 9.69 -11.49 4.18
C GLY A 84 8.56 -11.99 3.33
N HIS A 85 8.27 -11.26 2.25
CA HIS A 85 7.14 -11.58 1.37
C HIS A 85 7.58 -12.25 0.06
N GLU A 86 8.73 -12.92 0.08
CA GLU A 86 9.28 -13.55 -1.11
C GLU A 86 8.33 -14.56 -1.78
N SER A 87 7.49 -15.21 -0.98
CA SER A 87 6.52 -16.17 -1.51
C SER A 87 5.39 -15.50 -2.28
N PHE A 88 5.39 -14.17 -2.31
CA PHE A 88 4.35 -13.45 -3.02
C PHE A 88 4.98 -12.48 -4.01
N SER A 89 6.16 -12.86 -4.51
CA SER A 89 6.94 -12.04 -5.42
C SER A 89 6.41 -12.06 -6.85
N ASN A 90 5.81 -13.16 -7.24
CA ASN A 90 5.22 -13.29 -8.56
C ASN A 90 3.83 -12.68 -8.64
N LEU A 91 3.28 -12.66 -9.84
CA LEU A 91 1.94 -12.15 -10.06
C LEU A 91 0.90 -13.05 -9.42
N ARG A 92 -0.24 -12.47 -9.06
CA ARG A 92 -1.24 -13.17 -8.28
C ARG A 92 -1.75 -14.40 -9.01
N SER A 93 -1.89 -14.29 -10.32
CA SER A 93 -2.47 -15.35 -11.11
C SER A 93 -1.61 -16.59 -10.97
N ARG A 94 -0.30 -16.39 -10.93
CA ARG A 94 0.64 -17.51 -10.89
C ARG A 94 1.01 -17.91 -9.47
N GLY A 95 0.34 -17.28 -8.51
CA GLY A 95 0.71 -17.33 -7.11
C GLY A 95 0.94 -18.71 -6.52
N SER A 96 0.16 -19.68 -6.95
CA SER A 96 0.25 -21.04 -6.43
C SER A 96 1.62 -21.63 -6.73
N SER A 97 2.27 -21.12 -7.76
CA SER A 97 3.60 -21.60 -8.12
C SER A 97 4.58 -21.38 -6.99
N LEU A 98 4.45 -20.25 -6.29
CA LEU A 98 5.26 -19.98 -5.11
C LEU A 98 4.64 -20.46 -3.81
N CYS A 99 3.34 -20.22 -3.63
CA CYS A 99 2.66 -20.62 -2.41
C CYS A 99 1.28 -21.18 -2.68
N ASN A 100 0.94 -22.33 -2.09
CA ASN A 100 -0.43 -22.82 -2.14
C ASN A 100 -1.26 -22.35 -0.95
N ILE A 101 -0.61 -22.19 0.21
CA ILE A 101 -1.30 -21.78 1.43
C ILE A 101 -0.33 -21.21 2.46
N ALA A 102 -0.77 -20.19 3.21
CA ALA A 102 0.11 -19.58 4.21
C ALA A 102 -0.36 -19.80 5.63
N ILE A 103 0.52 -19.49 6.58
CA ILE A 103 0.22 -19.60 7.98
C ILE A 103 0.61 -18.34 8.72
N LEU A 104 -0.33 -17.74 9.44
CA LEU A 104 -0.02 -16.60 10.28
C LEU A 104 0.01 -17.04 11.74
N VAL A 105 1.01 -16.62 12.49
CA VAL A 105 1.11 -17.03 13.90
C VAL A 105 0.63 -15.94 14.86
N VAL A 106 -0.28 -16.29 15.75
CA VAL A 106 -0.80 -15.31 16.72
C VAL A 106 -0.67 -15.79 18.17
N ASP A 107 0.04 -15.02 18.98
CA ASP A 107 0.17 -15.29 20.41
C ASP A 107 -1.21 -15.20 21.08
N ILE A 108 -1.70 -16.35 21.54
CA ILE A 108 -3.01 -16.39 22.20
C ILE A 108 -3.01 -15.62 23.52
N MET A 109 -1.84 -15.56 24.14
CA MET A 109 -1.68 -14.82 25.38
C MET A 109 -1.82 -13.31 25.19
N HIS A 110 -1.17 -12.78 24.17
CA HIS A 110 -1.14 -11.34 23.95
C HIS A 110 -2.11 -10.78 22.91
N GLY A 111 -2.76 -11.66 22.15
CA GLY A 111 -3.74 -11.22 21.18
C GLY A 111 -3.22 -10.72 19.84
N LEU A 112 -4.12 -10.17 19.04
CA LEU A 112 -3.80 -9.70 17.69
C LEU A 112 -2.82 -8.53 17.68
N GLU A 113 -1.94 -8.51 16.69
CA GLU A 113 -0.93 -7.46 16.59
C GLU A 113 -0.87 -6.84 15.19
N PRO A 114 -0.39 -5.60 15.14
CA PRO A 114 -0.36 -4.83 13.89
C PRO A 114 0.24 -5.58 12.69
N GLN A 115 1.44 -6.13 12.86
CA GLN A 115 2.12 -6.88 11.79
C GLN A 115 1.22 -7.97 11.21
N THR A 116 0.60 -8.73 12.10
CA THR A 116 -0.31 -9.79 11.70
C THR A 116 -1.46 -9.21 10.90
N ILE A 117 -1.92 -8.02 11.29
CA ILE A 117 -3.03 -7.36 10.60
C ILE A 117 -2.63 -6.95 9.18
N GLU A 118 -1.41 -6.42 9.04
CA GLU A 118 -0.88 -6.08 7.72
C GLU A 118 -0.78 -7.30 6.82
N SER A 119 -0.14 -8.36 7.34
CA SER A 119 -0.05 -9.62 6.60
C SER A 119 -1.43 -10.13 6.21
N LEU A 120 -2.38 -9.96 7.12
CA LEU A 120 -3.76 -10.41 6.93
C LEU A 120 -4.38 -9.69 5.73
N ARG A 121 -4.28 -8.37 5.73
CA ARG A 121 -4.87 -7.56 4.67
C ARG A 121 -4.24 -7.88 3.32
N LEU A 122 -2.92 -8.03 3.32
CA LEU A 122 -2.19 -8.38 2.11
C LEU A 122 -2.61 -9.76 1.60
N LEU A 123 -2.79 -10.69 2.52
CA LEU A 123 -3.18 -12.05 2.18
C LEU A 123 -4.58 -12.07 1.56
N ARG A 124 -5.48 -11.28 2.13
CA ARG A 124 -6.84 -11.19 1.62
C ARG A 124 -6.85 -10.55 0.24
N GLU A 125 -6.01 -9.53 0.08
CA GLU A 125 -5.88 -8.81 -1.18
C GLU A 125 -5.38 -9.72 -2.30
N ARG A 126 -4.44 -10.58 -1.98
CA ARG A 126 -3.86 -11.47 -2.99
C ARG A 126 -4.75 -12.68 -3.24
N LYS A 127 -5.80 -12.82 -2.44
CA LYS A 127 -6.69 -13.98 -2.50
C LYS A 127 -5.93 -15.29 -2.23
N THR A 128 -4.92 -15.20 -1.39
CA THR A 128 -4.16 -16.38 -0.98
C THR A 128 -4.84 -17.04 0.22
N PRO A 129 -5.11 -18.34 0.10
CA PRO A 129 -5.68 -19.10 1.23
C PRO A 129 -4.69 -19.17 2.37
N PHE A 130 -5.19 -19.13 3.60
CA PHE A 130 -4.31 -19.14 4.75
C PHE A 130 -5.02 -19.67 5.99
N VAL A 131 -4.23 -20.06 6.98
CA VAL A 131 -4.77 -20.40 8.30
C VAL A 131 -3.97 -19.68 9.38
N VAL A 132 -4.54 -19.63 10.57
CA VAL A 132 -3.88 -18.97 11.70
C VAL A 132 -3.52 -19.97 12.79
N ALA A 133 -2.24 -20.06 13.11
CA ALA A 133 -1.76 -20.84 14.23
C ALA A 133 -1.89 -20.04 15.51
N LEU A 134 -2.81 -20.44 16.38
CA LEU A 134 -3.01 -19.76 17.66
C LEU A 134 -2.02 -20.31 18.70
N ASN A 135 -0.83 -19.70 18.75
CA ASN A 135 0.32 -20.25 19.46
C ASN A 135 0.33 -19.95 20.96
N LYS A 136 1.28 -20.56 21.67
CA LYS A 136 1.56 -20.30 23.09
C LYS A 136 0.44 -20.77 24.04
N ILE A 137 -0.26 -21.84 23.67
CA ILE A 137 -1.36 -22.34 24.50
C ILE A 137 -0.89 -23.00 25.80
N ASP A 138 0.39 -23.38 25.85
CA ASP A 138 0.95 -23.98 27.05
C ASP A 138 1.08 -22.94 28.16
N ARG A 139 0.99 -21.67 27.78
CA ARG A 139 1.13 -20.57 28.73
C ARG A 139 -0.15 -20.31 29.52
N LEU A 140 -1.23 -20.99 29.16
CA LEU A 140 -2.48 -20.92 29.93
C LEU A 140 -2.22 -21.41 31.35
N TYR A 141 -2.90 -20.82 32.34
CA TYR A 141 -2.67 -21.20 33.73
C TYR A 141 -3.26 -22.55 34.07
N GLY A 142 -2.39 -23.54 34.27
CA GLY A 142 -2.82 -24.88 34.62
C GLY A 142 -2.72 -25.87 33.48
N TRP A 143 -2.01 -25.51 32.42
CA TRP A 143 -1.88 -26.38 31.26
C TRP A 143 -1.03 -27.62 31.52
N LYS A 144 -1.67 -28.79 31.50
CA LYS A 144 -0.94 -30.05 31.60
C LYS A 144 -0.54 -30.52 30.20
N LYS A 145 0.73 -30.32 29.87
CA LYS A 145 1.21 -30.62 28.52
C LYS A 145 1.45 -32.11 28.27
N ILE A 146 1.15 -32.54 27.05
CA ILE A 146 1.54 -33.84 26.55
C ILE A 146 2.31 -33.58 25.27
N GLU A 147 3.62 -33.80 25.30
CA GLU A 147 4.51 -33.44 24.19
C GLU A 147 4.03 -33.97 22.84
N ASN A 148 3.93 -33.07 21.87
CA ASN A 148 3.57 -33.42 20.49
C ASN A 148 2.19 -34.07 20.34
N ASN A 149 1.30 -33.82 21.29
CA ASN A 149 -0.06 -34.37 21.24
C ASN A 149 -1.00 -33.54 20.36
N GLY A 150 -2.08 -34.15 19.87
CA GLY A 150 -3.10 -33.41 19.15
C GLY A 150 -3.81 -32.47 20.10
N PHE A 151 -4.29 -31.32 19.60
CA PHE A 151 -4.87 -30.31 20.48
C PHE A 151 -6.13 -30.75 21.22
N ARG A 152 -7.08 -31.33 20.49
CA ARG A 152 -8.34 -31.77 21.07
C ARG A 152 -8.11 -32.77 22.21
N GLU A 153 -7.17 -33.68 21.98
CA GLU A 153 -6.80 -34.71 22.95
C GLU A 153 -6.30 -34.11 24.27
N SER A 154 -5.27 -33.26 24.17
CA SER A 154 -4.74 -32.58 25.33
C SER A 154 -5.78 -31.69 25.99
N PHE A 155 -6.70 -31.17 25.19
CA PHE A 155 -7.74 -30.27 25.68
C PHE A 155 -8.78 -30.99 26.50
N ALA A 156 -9.09 -32.24 26.13
CA ALA A 156 -10.02 -33.03 26.92
C ALA A 156 -9.43 -33.39 28.28
N LEU A 157 -8.10 -33.34 28.39
CA LEU A 157 -7.38 -33.72 29.59
C LEU A 157 -7.14 -32.54 30.53
N GLN A 158 -7.79 -31.42 30.24
CA GLN A 158 -7.59 -30.20 31.01
C GLN A 158 -8.76 -29.96 31.96
N ASN A 159 -8.48 -29.26 33.07
CA ASN A 159 -9.48 -28.88 34.07
C ASN A 159 -10.43 -27.78 33.60
N LYS A 160 -11.62 -27.73 34.19
CA LYS A 160 -12.66 -26.82 33.74
C LYS A 160 -12.16 -25.39 33.63
N ALA A 161 -11.27 -25.01 34.54
CA ALA A 161 -10.77 -23.64 34.63
C ALA A 161 -9.86 -23.25 33.47
N VAL A 162 -9.04 -24.18 33.01
CA VAL A 162 -8.13 -23.91 31.90
C VAL A 162 -8.87 -24.01 30.55
N GLN A 163 -9.85 -24.90 30.47
CA GLN A 163 -10.73 -24.95 29.31
C GLN A 163 -11.47 -23.62 29.19
N ASN A 164 -11.90 -23.10 30.33
CA ASN A 164 -12.54 -21.79 30.39
C ASN A 164 -11.59 -20.67 30.00
N GLU A 165 -10.35 -20.72 30.49
CA GLU A 165 -9.36 -19.72 30.12
C GLU A 165 -9.13 -19.71 28.60
N PHE A 166 -9.03 -20.89 28.01
CA PHE A 166 -8.87 -21.00 26.57
C PHE A 166 -10.07 -20.46 25.82
N ARG A 167 -11.28 -20.81 26.27
CA ARG A 167 -12.48 -20.31 25.63
C ARG A 167 -12.55 -18.79 25.68
N ASN A 168 -12.18 -18.23 26.83
CA ASN A 168 -12.17 -16.79 27.01
C ASN A 168 -11.18 -16.11 26.06
N ARG A 169 -9.93 -16.55 26.09
CA ARG A 169 -8.92 -15.94 25.23
C ARG A 169 -9.25 -16.12 23.74
N LEU A 170 -9.86 -17.24 23.40
CA LEU A 170 -10.31 -17.50 22.03
C LEU A 170 -11.40 -16.53 21.62
N ASP A 171 -12.38 -16.32 22.50
CA ASP A 171 -13.44 -15.35 22.24
C ASP A 171 -12.86 -13.96 22.05
N GLN A 172 -11.85 -13.63 22.86
CA GLN A 172 -11.20 -12.33 22.79
C GLN A 172 -10.47 -12.14 21.46
N VAL A 173 -9.72 -13.15 21.03
CA VAL A 173 -9.01 -13.03 19.74
C VAL A 173 -9.99 -12.99 18.56
N LYS A 174 -11.04 -13.81 18.62
CA LYS A 174 -12.11 -13.75 17.64
C LYS A 174 -12.68 -12.35 17.56
N LEU A 175 -12.89 -11.74 18.72
CA LEU A 175 -13.38 -10.36 18.79
C LEU A 175 -12.40 -9.41 18.11
N GLN A 176 -11.10 -9.66 18.31
CA GLN A 176 -10.07 -8.85 17.66
C GLN A 176 -10.08 -8.99 16.14
N PHE A 177 -10.34 -10.20 15.65
CA PHE A 177 -10.48 -10.44 14.21
C PHE A 177 -11.72 -9.73 13.67
N ALA A 178 -12.81 -9.81 14.43
CA ALA A 178 -14.07 -9.17 14.07
C ALA A 178 -13.93 -7.66 13.95
N GLU A 179 -13.27 -7.07 14.94
CA GLU A 179 -13.03 -5.63 14.95
C GLU A 179 -12.19 -5.16 13.77
N GLN A 180 -11.65 -6.10 12.99
CA GLN A 180 -10.81 -5.77 11.86
C GLN A 180 -11.48 -6.16 10.55
N GLY A 181 -12.68 -6.73 10.65
CA GLY A 181 -13.42 -7.12 9.46
C GLY A 181 -13.06 -8.51 9.00
N PHE A 182 -12.73 -9.38 9.94
CA PHE A 182 -12.42 -10.77 9.62
C PHE A 182 -13.28 -11.69 10.45
N ASN A 183 -13.88 -12.68 9.80
CA ASN A 183 -14.62 -13.70 10.51
C ASN A 183 -13.75 -14.93 10.72
N SER A 184 -13.63 -15.35 11.99
CA SER A 184 -12.77 -16.47 12.32
C SER A 184 -13.52 -17.54 13.10
N GLU A 185 -13.01 -18.76 13.01
CA GLU A 185 -13.63 -19.88 13.71
C GLU A 185 -12.57 -20.92 14.01
N LEU A 186 -12.70 -21.59 15.15
CA LEU A 186 -11.84 -22.73 15.46
C LEU A 186 -11.98 -23.72 14.31
N PHE A 187 -10.86 -24.27 13.84
CA PHE A 187 -10.85 -25.03 12.59
C PHE A 187 -11.84 -26.19 12.53
N TYR A 188 -11.97 -26.93 13.63
CA TYR A 188 -12.90 -28.05 13.68
C TYR A 188 -14.31 -27.58 14.00
N GLU A 189 -14.54 -26.29 13.81
CA GLU A 189 -15.85 -25.68 14.02
C GLU A 189 -16.14 -24.72 12.86
N ASN A 190 -15.24 -24.69 11.88
CA ASN A 190 -15.43 -23.84 10.71
C ASN A 190 -16.40 -24.49 9.73
N LYS A 191 -17.50 -23.80 9.46
CA LYS A 191 -18.53 -24.34 8.56
C LYS A 191 -18.31 -23.90 7.11
N ASN A 192 -17.61 -22.79 6.92
CA ASN A 192 -17.28 -22.32 5.58
C ASN A 192 -15.89 -21.69 5.50
N PHE A 193 -14.94 -22.40 4.88
CA PHE A 193 -13.57 -21.92 4.78
C PHE A 193 -13.45 -20.65 3.93
N ALA A 194 -14.39 -20.47 3.01
CA ALA A 194 -14.38 -19.32 2.12
C ALA A 194 -14.69 -18.00 2.83
N ARG A 195 -15.44 -18.07 3.92
CA ARG A 195 -15.88 -16.86 4.63
C ARG A 195 -15.29 -16.76 6.03
N TYR A 196 -14.71 -17.84 6.54
CA TYR A 196 -14.17 -17.85 7.89
C TYR A 196 -12.70 -18.26 7.96
N VAL A 197 -11.87 -17.41 8.56
CA VAL A 197 -10.47 -17.74 8.85
C VAL A 197 -10.39 -18.89 9.85
N SER A 198 -9.63 -19.92 9.52
CA SER A 198 -9.45 -21.07 10.43
C SER A 198 -8.41 -20.79 11.51
N LEU A 199 -8.76 -21.10 12.76
CA LEU A 199 -7.85 -20.93 13.89
C LEU A 199 -7.32 -22.28 14.39
N VAL A 200 -6.00 -22.44 14.37
CA VAL A 200 -5.37 -23.69 14.81
C VAL A 200 -4.54 -23.44 16.06
N PRO A 201 -5.02 -23.93 17.22
CA PRO A 201 -4.24 -23.75 18.46
C PRO A 201 -2.94 -24.52 18.37
N THR A 202 -1.83 -23.90 18.74
CA THR A 202 -0.52 -24.53 18.69
C THR A 202 0.35 -24.23 19.91
N SER A 203 1.41 -25.02 20.06
CA SER A 203 2.46 -24.74 21.04
C SER A 203 3.80 -25.17 20.46
N ALA A 204 4.60 -24.19 20.04
CA ALA A 204 5.92 -24.50 19.51
C ALA A 204 6.84 -25.03 20.61
N HIS A 205 6.44 -24.84 21.86
CA HIS A 205 7.21 -25.33 22.99
C HIS A 205 7.00 -26.83 23.22
N THR A 206 5.73 -27.25 23.19
CA THR A 206 5.39 -28.63 23.52
C THR A 206 5.03 -29.45 22.29
N GLY A 207 4.88 -28.78 21.16
CA GLY A 207 4.53 -29.45 19.92
C GLY A 207 3.05 -29.78 19.82
N GLU A 208 2.28 -29.35 20.81
CA GLU A 208 0.83 -29.59 20.83
C GLU A 208 0.13 -28.74 19.77
N GLY A 209 -0.74 -29.37 18.99
CA GLY A 209 -1.48 -28.67 17.95
C GLY A 209 -0.85 -28.80 16.57
N ILE A 210 0.46 -29.01 16.53
CA ILE A 210 1.21 -29.13 15.27
C ILE A 210 0.73 -30.24 14.31
N PRO A 211 0.45 -31.45 14.82
CA PRO A 211 -0.08 -32.48 13.91
C PRO A 211 -1.40 -32.06 13.27
N ASP A 212 -2.34 -31.58 14.08
CA ASP A 212 -3.59 -31.01 13.60
C ASP A 212 -3.33 -30.02 12.47
N MET A 213 -2.36 -29.14 12.70
CA MET A 213 -1.98 -28.10 11.74
C MET A 213 -1.41 -28.61 10.41
N LEU A 214 -0.51 -29.59 10.44
CA LEU A 214 0.03 -30.20 9.23
C LEU A 214 -1.05 -30.96 8.45
N LYS A 215 -1.79 -31.80 9.17
CA LYS A 215 -2.90 -32.52 8.57
C LYS A 215 -3.88 -31.56 7.92
N LEU A 216 -4.11 -30.41 8.55
CA LEU A 216 -5.03 -29.42 8.00
C LEU A 216 -4.50 -28.80 6.71
N ILE A 217 -3.22 -28.47 6.71
CA ILE A 217 -2.56 -27.94 5.51
C ILE A 217 -2.74 -28.92 4.35
N VAL A 218 -2.27 -30.14 4.54
CA VAL A 218 -2.35 -31.17 3.50
C VAL A 218 -3.79 -31.40 3.03
N GLN A 219 -4.71 -31.47 3.99
CA GLN A 219 -6.11 -31.72 3.69
C GLN A 219 -6.72 -30.62 2.84
N LEU A 220 -6.51 -29.37 3.26
CA LEU A 220 -7.00 -28.21 2.53
C LEU A 220 -6.45 -28.17 1.12
N CYS A 221 -5.14 -28.40 1.00
CA CYS A 221 -4.51 -28.46 -0.32
C CYS A 221 -5.10 -29.55 -1.21
N GLN A 222 -5.35 -30.72 -0.64
CA GLN A 222 -5.87 -31.86 -1.40
C GLN A 222 -7.32 -31.71 -1.83
N GLU A 223 -8.14 -31.15 -0.93
CA GLU A 223 -9.58 -31.08 -1.16
C GLU A 223 -10.02 -29.80 -1.87
N ARG A 224 -9.21 -28.75 -1.76
CA ARG A 224 -9.61 -27.45 -2.32
C ARG A 224 -8.75 -26.93 -3.46
N MET A 225 -7.51 -27.40 -3.56
CA MET A 225 -6.59 -26.86 -4.57
C MET A 225 -6.04 -27.95 -5.49
N ALA A 226 -6.77 -29.05 -5.59
CA ALA A 226 -6.36 -30.19 -6.42
C ALA A 226 -6.14 -29.79 -7.88
N SER A 227 -6.90 -28.79 -8.33
CA SER A 227 -6.75 -28.30 -9.69
C SER A 227 -5.39 -27.64 -9.91
N SER A 228 -4.93 -26.91 -8.90
CA SER A 228 -3.60 -26.32 -8.91
C SER A 228 -2.47 -27.34 -8.89
N LEU A 229 -2.66 -28.42 -8.15
CA LEU A 229 -1.60 -29.37 -7.84
C LEU A 229 -1.42 -30.55 -8.80
N MET A 230 -2.23 -30.61 -9.85
CA MET A 230 -2.17 -31.75 -10.76
C MET A 230 -0.84 -31.87 -11.47
N TYR A 231 -0.37 -33.10 -11.69
CA TYR A 231 0.84 -33.35 -12.44
C TYR A 231 0.65 -32.68 -13.80
N LEU A 232 1.71 -32.09 -14.35
CA LEU A 232 1.61 -31.48 -15.67
C LEU A 232 2.89 -31.64 -16.48
N SER A 233 2.83 -31.23 -17.75
CA SER A 233 3.89 -31.55 -18.70
C SER A 233 4.93 -30.44 -18.81
N GLU A 234 4.48 -29.20 -18.65
CA GLU A 234 5.35 -28.03 -18.81
C GLU A 234 6.20 -27.76 -17.57
N LEU A 235 7.25 -26.96 -17.76
CA LEU A 235 8.09 -26.53 -16.66
C LEU A 235 7.43 -25.41 -15.86
N GLN A 236 7.51 -25.50 -14.54
CA GLN A 236 7.15 -24.40 -13.67
C GLN A 236 8.28 -24.10 -12.72
N ALA A 237 8.94 -22.97 -12.97
CA ALA A 237 10.04 -22.48 -12.15
C ALA A 237 9.86 -20.99 -11.97
N THR A 238 10.00 -20.52 -10.74
CA THR A 238 9.77 -19.12 -10.44
C THR A 238 10.91 -18.52 -9.63
N VAL A 239 11.37 -17.34 -10.02
CA VAL A 239 12.42 -16.67 -9.27
C VAL A 239 11.92 -16.18 -7.92
N LEU A 240 12.41 -16.82 -6.86
CA LEU A 240 12.05 -16.47 -5.49
C LEU A 240 12.91 -15.31 -5.00
N GLU A 241 14.21 -15.37 -5.27
CA GLU A 241 15.14 -14.33 -4.79
C GLU A 241 16.25 -13.99 -5.78
N VAL A 242 16.89 -12.84 -5.55
CA VAL A 242 18.11 -12.47 -6.26
C VAL A 242 19.19 -12.20 -5.21
N LYS A 243 20.21 -13.06 -5.16
CA LYS A 243 21.23 -12.96 -4.10
C LYS A 243 22.66 -12.95 -4.63
N ALA A 244 23.41 -11.92 -4.29
CA ALA A 244 24.84 -11.88 -4.60
C ALA A 244 25.61 -12.83 -3.69
N ILE A 245 26.35 -13.77 -4.28
CA ILE A 245 27.11 -14.76 -3.53
C ILE A 245 28.57 -14.78 -3.99
N GLU A 246 29.49 -14.74 -3.03
CA GLU A 246 30.93 -14.73 -3.31
C GLU A 246 31.35 -16.01 -4.05
N GLY A 247 31.95 -15.83 -5.22
CA GLY A 247 32.40 -16.95 -6.02
C GLY A 247 31.42 -17.30 -7.12
N PHE A 248 30.23 -16.71 -7.06
CA PHE A 248 29.19 -16.97 -8.06
C PHE A 248 28.52 -15.66 -8.50
N GLY A 249 29.02 -14.54 -8.01
CA GLY A 249 28.45 -13.24 -8.33
C GLY A 249 27.00 -13.13 -7.92
N VAL A 250 26.17 -12.62 -8.82
CA VAL A 250 24.74 -12.53 -8.55
C VAL A 250 24.01 -13.77 -9.06
N THR A 251 23.43 -14.52 -8.12
CA THR A 251 22.74 -15.77 -8.40
C THR A 251 21.26 -15.57 -8.22
N ILE A 252 20.45 -16.47 -8.78
CA ILE A 252 19.02 -16.40 -8.53
C ILE A 252 18.50 -17.64 -7.80
N ASP A 253 17.67 -17.42 -6.79
CA ASP A 253 17.05 -18.52 -6.05
C ASP A 253 15.67 -18.81 -6.64
N VAL A 254 15.54 -20.02 -7.18
CA VAL A 254 14.38 -20.44 -7.94
C VAL A 254 13.61 -21.51 -7.18
N ILE A 255 12.29 -21.42 -7.21
CA ILE A 255 11.44 -22.50 -6.71
C ILE A 255 10.95 -23.31 -7.91
N LEU A 256 11.37 -24.57 -7.97
CA LEU A 256 10.96 -25.47 -9.05
C LEU A 256 9.65 -26.15 -8.67
N SER A 257 8.53 -25.58 -9.13
CA SER A 257 7.21 -26.15 -8.86
C SER A 257 7.05 -27.45 -9.63
N ASN A 258 7.47 -27.47 -10.89
CA ASN A 258 7.24 -28.63 -11.72
C ASN A 258 8.29 -28.83 -12.80
N GLY A 259 8.74 -30.07 -12.99
CA GLY A 259 9.66 -30.38 -14.08
C GLY A 259 11.12 -30.47 -13.69
N ILE A 260 11.99 -30.35 -14.71
CA ILE A 260 13.40 -30.60 -14.54
C ILE A 260 14.22 -29.36 -14.96
N LEU A 261 15.32 -29.11 -14.26
CA LEU A 261 16.28 -28.10 -14.68
C LEU A 261 17.65 -28.75 -14.83
N ARG A 262 18.42 -28.35 -15.83
CA ARG A 262 19.74 -28.95 -16.05
C ARG A 262 20.82 -27.89 -16.25
N GLU A 263 22.04 -28.23 -15.85
CA GLU A 263 23.20 -27.38 -16.16
C GLU A 263 23.34 -27.27 -17.67
N GLY A 264 23.65 -26.08 -18.16
CA GLY A 264 23.80 -25.87 -19.59
C GLY A 264 22.52 -25.39 -20.27
N ASP A 265 21.39 -25.56 -19.59
CA ASP A 265 20.10 -25.11 -20.12
C ASP A 265 20.14 -23.64 -20.53
N ARG A 266 19.54 -23.34 -21.67
CA ARG A 266 19.34 -21.96 -22.09
C ARG A 266 18.08 -21.42 -21.40
N ILE A 267 18.25 -20.36 -20.63
CA ILE A 267 17.13 -19.77 -19.89
C ILE A 267 16.91 -18.30 -20.21
N VAL A 268 15.63 -17.91 -20.18
CA VAL A 268 15.24 -16.52 -20.33
C VAL A 268 14.37 -16.10 -19.14
N LEU A 269 14.50 -14.85 -18.72
CA LEU A 269 13.77 -14.33 -17.57
C LEU A 269 13.66 -12.81 -17.61
N CYS A 270 12.79 -12.25 -16.78
CA CYS A 270 12.60 -10.80 -16.70
C CYS A 270 13.78 -10.08 -16.06
N GLY A 271 14.33 -9.12 -16.79
CA GLY A 271 15.37 -8.27 -16.24
C GLY A 271 14.93 -6.82 -16.17
N LEU A 272 15.66 -6.03 -15.39
CA LEU A 272 15.38 -4.61 -15.25
C LEU A 272 15.39 -3.88 -16.59
N GLU A 273 16.42 -4.11 -17.40
CA GLU A 273 16.55 -3.43 -18.69
C GLU A 273 15.92 -4.20 -19.84
N GLY A 274 15.28 -5.32 -19.52
CA GLY A 274 14.65 -6.15 -20.53
C GLY A 274 14.97 -7.62 -20.33
N PRO A 275 14.52 -8.47 -21.26
CA PRO A 275 14.69 -9.92 -21.19
C PRO A 275 16.17 -10.33 -21.04
N ILE A 276 16.42 -11.32 -20.19
CA ILE A 276 17.76 -11.88 -20.01
C ILE A 276 17.90 -13.22 -20.74
N LYS A 277 18.90 -13.34 -21.60
CA LYS A 277 19.20 -14.64 -22.23
C LYS A 277 20.51 -15.15 -21.67
N THR A 278 20.49 -16.33 -21.05
CA THR A 278 21.72 -16.88 -20.50
C THR A 278 21.75 -18.40 -20.39
N ASN A 279 22.80 -18.94 -19.78
CA ASN A 279 22.94 -20.38 -19.63
C ASN A 279 23.20 -20.73 -18.18
N ILE A 280 22.74 -21.90 -17.75
CA ILE A 280 22.85 -22.24 -16.35
C ILE A 280 24.23 -22.79 -16.06
N ARG A 281 25.07 -21.95 -15.47
CA ARG A 281 26.41 -22.35 -15.11
C ARG A 281 26.43 -23.42 -14.04
N ALA A 282 25.55 -23.28 -13.05
CA ALA A 282 25.54 -24.18 -11.90
C ALA A 282 24.21 -24.27 -11.17
N LEU A 283 23.87 -25.49 -10.74
CA LEU A 283 22.70 -25.73 -9.90
C LEU A 283 23.16 -26.10 -8.49
N LEU A 284 22.83 -25.24 -7.53
CA LEU A 284 23.40 -25.33 -6.19
C LEU A 284 22.35 -25.61 -5.10
N THR A 285 22.68 -26.53 -4.21
CA THR A 285 21.85 -26.85 -3.04
C THR A 285 22.74 -26.64 -1.81
N PRO A 286 22.13 -26.48 -0.62
CA PRO A 286 22.97 -26.19 0.55
C PRO A 286 23.84 -27.37 0.99
N ALA A 287 25.04 -27.08 1.47
CA ALA A 287 25.92 -28.10 2.02
C ALA A 287 25.33 -28.63 3.32
N PRO A 288 25.51 -29.94 3.60
CA PRO A 288 24.98 -30.56 4.82
C PRO A 288 25.63 -30.01 6.09
N TYR A 298 27.83 -25.51 -0.52
CA TYR A 298 27.06 -25.69 -1.73
C TYR A 298 27.52 -26.91 -2.51
N ILE A 299 26.57 -27.74 -2.93
CA ILE A 299 26.90 -28.92 -3.74
C ILE A 299 26.26 -28.81 -5.12
N HIS A 300 27.08 -28.94 -6.16
CA HIS A 300 26.61 -28.85 -7.54
C HIS A 300 25.80 -30.05 -7.99
N HIS A 301 24.83 -29.81 -8.86
CA HIS A 301 24.02 -30.87 -9.44
C HIS A 301 23.98 -30.73 -10.96
N LYS A 302 23.94 -31.86 -11.66
CA LYS A 302 23.81 -31.83 -13.11
C LYS A 302 22.37 -31.49 -13.48
N GLU A 303 21.46 -31.79 -12.57
CA GLU A 303 20.05 -31.51 -12.78
C GLU A 303 19.27 -31.55 -11.45
N VAL A 304 18.11 -30.90 -11.44
CA VAL A 304 17.20 -30.97 -10.31
C VAL A 304 15.76 -31.21 -10.78
N LYS A 305 14.95 -31.78 -9.89
CA LYS A 305 13.53 -32.03 -10.17
C LYS A 305 12.65 -31.38 -9.11
N ALA A 306 11.39 -31.14 -9.46
CA ALA A 306 10.41 -30.67 -8.50
C ALA A 306 10.18 -31.76 -7.46
N ALA A 307 9.88 -31.36 -6.21
CA ALA A 307 9.83 -29.96 -5.80
C ALA A 307 11.14 -29.52 -5.16
N GLN A 308 11.67 -28.40 -5.62
CA GLN A 308 13.03 -28.02 -5.25
C GLN A 308 13.25 -26.52 -5.11
N GLY A 309 13.81 -26.10 -3.98
CA GLY A 309 14.39 -24.79 -3.85
C GLY A 309 15.84 -24.87 -4.28
N VAL A 310 16.17 -24.25 -5.40
CA VAL A 310 17.50 -24.39 -5.98
C VAL A 310 18.14 -23.03 -6.24
N LYS A 311 19.45 -22.94 -6.08
CA LYS A 311 20.19 -21.73 -6.44
C LYS A 311 20.75 -21.91 -7.86
N ILE A 312 20.76 -20.82 -8.63
CA ILE A 312 21.28 -20.86 -10.00
C ILE A 312 22.37 -19.82 -10.23
N SER A 313 23.53 -20.31 -10.67
CA SER A 313 24.65 -19.46 -11.06
C SER A 313 24.70 -19.37 -12.57
N ALA A 314 24.69 -18.14 -13.09
CA ALA A 314 24.69 -17.90 -14.53
C ALA A 314 25.09 -16.46 -14.77
N PRO A 315 25.78 -16.21 -15.90
CA PRO A 315 26.22 -14.85 -16.21
C PRO A 315 25.05 -13.92 -16.53
N GLY A 316 25.19 -12.65 -16.17
CA GLY A 316 24.19 -11.65 -16.49
C GLY A 316 22.88 -11.77 -15.74
N LEU A 317 22.95 -12.05 -14.45
CA LEU A 317 21.74 -12.12 -13.63
C LEU A 317 21.56 -10.84 -12.82
N GLU A 318 22.51 -9.92 -12.93
CA GLU A 318 22.33 -8.58 -12.37
C GLU A 318 21.07 -7.98 -12.98
N GLY A 319 20.17 -7.47 -12.15
CA GLY A 319 18.95 -6.89 -12.67
C GLY A 319 17.88 -7.91 -12.99
N ALA A 320 18.09 -9.15 -12.54
CA ALA A 320 17.02 -10.14 -12.56
C ALA A 320 15.95 -9.64 -11.61
N ILE A 321 14.68 -9.84 -11.95
CA ILE A 321 13.57 -9.41 -11.10
C ILE A 321 12.97 -10.57 -10.32
N ALA A 322 12.98 -10.48 -9.00
CA ALA A 322 12.35 -11.52 -8.17
C ALA A 322 10.87 -11.61 -8.50
N GLY A 323 10.36 -12.82 -8.58
CA GLY A 323 8.98 -13.03 -9.00
C GLY A 323 8.86 -13.42 -10.46
N SER A 324 9.94 -13.21 -11.21
CA SER A 324 9.93 -13.55 -12.63
C SER A 324 9.81 -15.05 -12.84
N ARG A 325 9.24 -15.43 -13.97
CA ARG A 325 9.19 -16.82 -14.39
C ARG A 325 10.54 -17.25 -14.95
N LEU A 326 10.83 -18.53 -14.89
CA LEU A 326 12.04 -19.05 -15.49
C LEU A 326 11.65 -19.91 -16.68
N LEU A 327 12.19 -19.59 -17.85
CA LEU A 327 11.84 -20.30 -19.05
C LEU A 327 13.08 -20.93 -19.67
N VAL A 328 12.95 -22.19 -20.06
CA VAL A 328 14.05 -22.90 -20.69
C VAL A 328 13.73 -23.06 -22.16
N VAL A 329 14.68 -22.68 -23.01
CA VAL A 329 14.46 -22.72 -24.44
C VAL A 329 14.98 -24.02 -25.00
N GLY A 330 14.08 -24.78 -25.62
CA GLY A 330 14.45 -26.04 -26.23
C GLY A 330 15.10 -25.83 -27.57
N PRO A 331 15.68 -26.98 -28.15
CA PRO A 331 16.30 -26.70 -29.45
C PRO A 331 15.27 -26.23 -30.45
N ASP A 332 14.11 -26.89 -30.47
CA ASP A 332 13.04 -26.47 -31.36
C ASP A 332 12.17 -25.40 -30.70
N ASP A 333 12.76 -24.23 -30.45
CA ASP A 333 12.01 -23.14 -29.85
C ASP A 333 12.50 -21.79 -30.36
N ASP A 334 11.62 -20.79 -30.35
CA ASP A 334 12.01 -19.44 -30.69
C ASP A 334 12.37 -18.69 -29.42
N GLU A 335 13.63 -18.29 -29.31
CA GLU A 335 14.12 -17.63 -28.11
C GLU A 335 13.40 -16.30 -27.87
N GLU A 336 13.17 -15.57 -28.96
CA GLU A 336 12.56 -14.25 -28.90
C GLU A 336 11.11 -14.29 -28.41
N GLU A 337 10.34 -15.25 -28.90
CA GLU A 337 8.97 -15.45 -28.45
C GLU A 337 8.92 -15.75 -26.96
N LEU A 338 9.91 -16.50 -26.48
CA LEU A 338 10.01 -16.82 -25.06
C LEU A 338 10.40 -15.59 -24.24
N GLU A 339 11.25 -14.73 -24.81
CA GLU A 339 11.58 -13.45 -24.18
C GLU A 339 10.33 -12.60 -24.02
N GLU A 340 9.57 -12.44 -25.09
CA GLU A 340 8.30 -11.71 -25.02
C GLU A 340 7.39 -12.31 -23.95
N GLU A 341 7.23 -13.63 -24.00
CA GLU A 341 6.37 -14.38 -23.08
C GLU A 341 6.75 -14.18 -21.61
N VAL A 342 8.05 -14.06 -21.35
CA VAL A 342 8.54 -13.92 -19.99
C VAL A 342 8.57 -12.46 -19.52
N GLU A 343 8.57 -11.52 -20.47
CA GLU A 343 8.56 -10.09 -20.13
C GLU A 343 7.12 -9.56 -20.07
N SER A 344 6.19 -10.42 -20.50
CA SER A 344 4.78 -10.07 -20.61
C SER A 344 4.12 -9.64 -19.30
N ASP A 345 4.48 -10.28 -18.20
CA ASP A 345 3.93 -9.94 -16.88
C ASP A 345 4.28 -8.50 -16.51
N LEU A 346 5.58 -8.21 -16.52
CA LEU A 346 6.09 -6.89 -16.22
C LEU A 346 5.45 -5.85 -17.15
N GLN A 347 5.33 -6.21 -18.42
CA GLN A 347 4.68 -5.30 -19.38
C GLN A 347 3.23 -5.04 -19.00
N SER A 348 2.52 -6.07 -18.55
CA SER A 348 1.14 -5.93 -18.13
C SER A 348 1.03 -5.03 -16.90
N LEU A 349 2.09 -5.01 -16.09
CA LEU A 349 2.15 -4.02 -15.00
C LEU A 349 2.39 -2.60 -15.53
N PHE A 350 3.31 -2.44 -16.46
CA PHE A 350 3.62 -1.12 -17.02
C PHE A 350 2.42 -0.44 -17.67
N SER A 351 1.56 -1.24 -18.30
CA SER A 351 0.42 -0.69 -19.03
C SER A 351 -0.68 -0.16 -18.12
N ARG A 352 -0.50 -0.36 -16.81
CA ARG A 352 -1.50 0.09 -15.85
C ARG A 352 -1.28 1.54 -15.42
N VAL A 353 -1.47 2.45 -16.37
CA VAL A 353 -1.39 3.89 -16.10
C VAL A 353 -2.64 4.59 -16.60
N GLU A 354 -2.99 5.71 -15.97
CA GLU A 354 -4.13 6.51 -16.42
C GLU A 354 -3.89 7.07 -17.82
N LYS A 355 -4.94 7.10 -18.64
CA LYS A 355 -4.83 7.62 -20.00
C LYS A 355 -4.83 9.15 -19.94
N THR A 356 -5.27 9.68 -18.80
CA THR A 356 -5.33 11.12 -18.58
C THR A 356 -3.94 11.72 -18.41
N GLY A 357 -3.02 10.92 -17.86
CA GLY A 357 -1.66 11.38 -17.63
C GLY A 357 -1.50 12.05 -16.28
N LYS A 358 -2.57 12.02 -15.48
CA LYS A 358 -2.55 12.60 -14.15
C LYS A 358 -2.52 11.49 -13.10
N GLY A 359 -1.52 11.52 -12.23
CA GLY A 359 -1.41 10.55 -11.17
C GLY A 359 -0.04 10.47 -10.54
N VAL A 360 0.07 9.71 -9.46
CA VAL A 360 1.33 9.54 -8.74
C VAL A 360 2.25 8.60 -9.50
N SER A 361 3.48 8.47 -9.01
CA SER A 361 4.44 7.53 -9.58
C SER A 361 4.76 6.45 -8.55
N VAL A 362 4.75 5.19 -8.95
CA VAL A 362 5.09 4.11 -8.03
C VAL A 362 6.37 3.35 -8.42
N GLN A 363 7.08 2.86 -7.41
CA GLN A 363 8.25 2.01 -7.59
C GLN A 363 8.17 0.91 -6.56
N ALA A 364 8.37 -0.33 -6.98
CA ALA A 364 8.31 -1.46 -6.07
C ALA A 364 9.45 -2.43 -6.32
N SER A 365 9.72 -3.28 -5.33
CA SER A 365 10.89 -4.15 -5.39
C SER A 365 10.74 -5.34 -6.32
N THR A 366 9.55 -5.94 -6.34
CA THR A 366 9.29 -7.15 -7.12
C THR A 366 8.05 -7.02 -7.99
N LEU A 367 7.81 -8.02 -8.82
CA LEU A 367 6.61 -8.09 -9.64
C LEU A 367 5.35 -8.06 -8.76
N GLY A 368 5.31 -8.93 -7.77
CA GLY A 368 4.14 -9.09 -6.94
C GLY A 368 3.90 -7.93 -5.99
N SER A 369 4.98 -7.33 -5.49
CA SER A 369 4.84 -6.20 -4.59
C SER A 369 4.32 -4.99 -5.37
N LEU A 370 4.78 -4.86 -6.62
CA LEU A 370 4.28 -3.83 -7.51
C LEU A 370 2.81 -4.04 -7.83
N GLU A 371 2.46 -5.27 -8.19
CA GLU A 371 1.07 -5.61 -8.48
C GLU A 371 0.19 -5.33 -7.27
N ALA A 372 0.71 -5.59 -6.08
CA ALA A 372 -0.04 -5.37 -4.86
C ALA A 372 -0.26 -3.88 -4.60
N LEU A 373 0.81 -3.11 -4.77
CA LEU A 373 0.72 -1.67 -4.61
C LEU A 373 -0.30 -1.07 -5.59
N LEU A 374 -0.22 -1.51 -6.84
CA LEU A 374 -1.14 -1.05 -7.88
C LEU A 374 -2.60 -1.45 -7.60
N ASP A 375 -2.82 -2.70 -7.21
CA ASP A 375 -4.16 -3.17 -6.84
C ASP A 375 -4.73 -2.37 -5.68
N PHE A 376 -3.89 -2.10 -4.69
CA PHE A 376 -4.32 -1.37 -3.50
C PHE A 376 -4.67 0.08 -3.83
N LEU A 377 -3.75 0.76 -4.52
CA LEU A 377 -3.98 2.13 -4.95
C LEU A 377 -5.22 2.25 -5.84
N LYS A 378 -5.42 1.27 -6.73
CA LYS A 378 -6.59 1.29 -7.61
C LYS A 378 -7.85 1.12 -6.78
N ASP A 379 -7.80 0.21 -5.81
CA ASP A 379 -8.93 0.03 -4.90
C ASP A 379 -9.21 1.29 -4.08
N CYS A 380 -8.15 2.03 -3.76
CA CYS A 380 -8.30 3.29 -3.04
C CYS A 380 -8.64 4.44 -3.98
N LYS A 381 -8.80 4.10 -5.26
CA LYS A 381 -9.08 5.07 -6.31
C LYS A 381 -8.06 6.21 -6.38
N ILE A 382 -6.80 5.86 -6.20
CA ILE A 382 -5.70 6.80 -6.33
C ILE A 382 -5.01 6.61 -7.69
N PRO A 383 -5.04 7.64 -8.55
CA PRO A 383 -4.54 7.52 -9.91
C PRO A 383 -3.02 7.35 -9.97
N VAL A 384 -2.56 6.45 -10.83
CA VAL A 384 -1.14 6.23 -11.05
C VAL A 384 -0.78 6.60 -12.49
N ALA A 385 0.30 7.37 -12.67
CA ALA A 385 0.72 7.80 -14.00
C ALA A 385 2.01 7.13 -14.48
N ASN A 386 2.89 6.78 -13.55
CA ASN A 386 4.14 6.14 -13.90
C ASN A 386 4.44 4.97 -12.97
N VAL A 387 4.83 3.84 -13.54
CA VAL A 387 5.20 2.66 -12.72
C VAL A 387 6.61 2.16 -13.05
N GLY A 388 7.22 1.45 -12.10
CA GLY A 388 8.58 0.95 -12.30
C GLY A 388 9.01 -0.09 -11.29
N ILE A 389 10.12 -0.78 -11.59
CA ILE A 389 10.67 -1.79 -10.71
C ILE A 389 12.11 -1.44 -10.34
N GLY A 390 12.46 -1.56 -9.06
CA GLY A 390 13.84 -1.36 -8.65
C GLY A 390 14.10 0.07 -8.18
N PRO A 391 15.37 0.38 -7.88
CA PRO A 391 15.77 1.66 -7.30
C PRO A 391 15.31 2.88 -8.09
N VAL A 392 15.17 4.01 -7.41
CA VAL A 392 14.63 5.23 -8.03
C VAL A 392 15.75 6.13 -8.58
N TYR A 393 15.64 6.49 -9.85
CA TYR A 393 16.62 7.39 -10.47
C TYR A 393 16.01 8.71 -10.90
N LYS A 394 16.88 9.67 -11.23
CA LYS A 394 16.49 11.03 -11.58
C LYS A 394 15.41 11.07 -12.66
N ARG A 395 15.54 10.18 -13.64
CA ARG A 395 14.61 10.11 -14.77
C ARG A 395 13.17 9.88 -14.30
N ASP A 396 13.01 8.85 -13.48
CA ASP A 396 11.73 8.56 -12.82
C ASP A 396 11.20 9.81 -12.11
N VAL A 397 12.10 10.51 -11.41
CA VAL A 397 11.72 11.70 -10.67
C VAL A 397 11.23 12.81 -11.58
N MET A 398 11.79 12.92 -12.79
CA MET A 398 11.36 13.95 -13.75
C MET A 398 9.99 13.61 -14.32
N GLN A 399 9.77 12.34 -14.59
CA GLN A 399 8.49 11.91 -15.14
C GLN A 399 7.42 12.30 -14.13
N CYS A 400 7.76 12.16 -12.85
CA CYS A 400 6.91 12.62 -11.77
C CYS A 400 6.73 14.14 -11.86
N GLY A 401 7.81 14.81 -12.26
CA GLY A 401 7.84 16.27 -12.29
C GLY A 401 6.77 16.84 -13.18
N ILE A 402 6.42 16.11 -14.22
CA ILE A 402 5.43 16.57 -15.18
C ILE A 402 4.15 16.83 -14.42
N MET A 403 3.97 16.10 -13.33
CA MET A 403 2.79 16.22 -12.51
C MET A 403 2.67 17.63 -11.94
N LEU A 404 3.79 18.27 -11.65
CA LEU A 404 3.73 19.52 -10.92
C LEU A 404 2.88 20.51 -11.68
N GLU A 405 3.09 20.65 -12.99
CA GLU A 405 2.15 21.41 -13.79
C GLU A 405 0.78 20.74 -13.97
N LYS A 406 0.81 19.45 -14.31
CA LYS A 406 -0.43 18.73 -14.65
C LYS A 406 -1.38 18.54 -13.49
N ALA A 407 -0.84 18.08 -12.36
CA ALA A 407 -1.57 17.97 -11.12
C ALA A 407 -0.59 18.22 -10.00
N PRO A 408 -0.74 19.43 -9.31
CA PRO A 408 0.28 19.63 -8.29
C PRO A 408 0.22 18.57 -7.20
N ASP A 409 -0.99 18.18 -6.84
CA ASP A 409 -1.20 17.26 -5.73
C ASP A 409 -0.50 15.92 -5.92
N TYR A 410 -0.51 15.42 -7.15
CA TYR A 410 -0.08 14.07 -7.45
C TYR A 410 1.41 13.96 -7.75
N ALA A 411 2.15 15.05 -7.61
CA ALA A 411 3.57 14.99 -7.90
C ALA A 411 4.33 14.42 -6.72
N VAL A 412 4.07 13.15 -6.44
CA VAL A 412 4.74 12.43 -5.38
C VAL A 412 5.00 11.00 -5.83
N MET A 413 6.01 10.35 -5.25
CA MET A 413 6.32 8.98 -5.59
C MET A 413 6.07 8.05 -4.43
N LEU A 414 5.32 6.98 -4.68
CA LEU A 414 5.11 5.94 -3.66
C LEU A 414 6.07 4.78 -3.92
N CYS A 415 7.08 4.65 -3.06
CA CYS A 415 8.16 3.68 -3.27
C CYS A 415 8.18 2.59 -2.21
N PHE A 416 7.87 1.38 -2.66
CA PHE A 416 7.82 0.21 -1.78
C PHE A 416 9.10 -0.61 -1.84
N ASP A 417 9.77 -0.71 -0.69
CA ASP A 417 10.92 -1.60 -0.51
C ASP A 417 11.95 -1.43 -1.62
N VAL A 418 12.38 -0.19 -1.83
CA VAL A 418 13.25 0.13 -2.94
C VAL A 418 14.20 1.26 -2.53
N LYS A 419 15.44 1.17 -2.98
CA LYS A 419 16.45 2.16 -2.64
C LYS A 419 16.31 3.40 -3.51
N VAL A 420 16.67 4.56 -2.96
CA VAL A 420 16.56 5.83 -3.68
C VAL A 420 17.94 6.40 -3.96
N ASP A 421 18.28 6.58 -5.24
CA ASP A 421 19.57 7.11 -5.63
C ASP A 421 19.78 8.54 -5.14
N LYS A 422 20.99 8.84 -4.70
CA LYS A 422 21.34 10.15 -4.16
C LYS A 422 20.88 11.32 -5.05
N GLU A 423 21.20 11.23 -6.33
CA GLU A 423 20.88 12.30 -7.28
C GLU A 423 19.38 12.43 -7.51
N ALA A 424 18.68 11.30 -7.47
CA ALA A 424 17.23 11.30 -7.60
C ALA A 424 16.59 12.07 -6.45
N GLN A 425 17.02 11.75 -5.23
CA GLN A 425 16.54 12.45 -4.04
C GLN A 425 16.88 13.93 -4.08
N GLN A 426 18.10 14.22 -4.53
CA GLN A 426 18.55 15.61 -4.64
C GLN A 426 17.66 16.41 -5.57
N TYR A 427 17.47 15.90 -6.79
CA TYR A 427 16.61 16.54 -7.78
C TYR A 427 15.20 16.71 -7.24
N ALA A 428 14.72 15.68 -6.55
CA ALA A 428 13.40 15.71 -5.93
C ALA A 428 13.25 16.85 -4.94
N ASP A 429 14.24 17.00 -4.06
CA ASP A 429 14.23 18.08 -3.06
C ASP A 429 14.30 19.44 -3.74
N GLU A 430 15.16 19.55 -4.75
CA GLU A 430 15.31 20.80 -5.48
C GLU A 430 14.05 21.21 -6.20
N ASN A 431 13.25 20.25 -6.64
CA ASN A 431 12.08 20.58 -7.46
C ASN A 431 10.71 20.44 -6.81
N GLY A 432 10.69 20.12 -5.52
CA GLY A 432 9.43 20.02 -4.80
C GLY A 432 8.72 18.69 -4.95
N ILE A 433 9.42 17.70 -5.52
CA ILE A 433 8.87 16.35 -5.65
C ILE A 433 9.06 15.58 -4.35
N LYS A 434 7.98 15.04 -3.80
CA LYS A 434 8.06 14.28 -2.56
C LYS A 434 8.20 12.79 -2.83
N ILE A 435 9.27 12.18 -2.31
CA ILE A 435 9.48 10.75 -2.47
C ILE A 435 9.23 10.00 -1.16
N PHE A 436 8.12 9.28 -1.10
CA PHE A 436 7.76 8.53 0.09
C PHE A 436 8.26 7.10 -0.04
N THR A 437 8.95 6.60 0.97
CA THR A 437 9.43 5.23 0.93
C THR A 437 8.92 4.45 2.14
N ALA A 438 8.62 3.17 1.94
CA ALA A 438 8.21 2.29 3.04
C ALA A 438 8.35 0.82 2.67
N ASP A 439 8.49 -0.04 3.68
CA ASP A 439 8.55 -1.48 3.43
C ASP A 439 7.17 -2.13 3.63
N ILE A 440 6.17 -1.28 3.89
CA ILE A 440 4.77 -1.72 3.98
C ILE A 440 3.82 -0.73 3.29
N ILE A 441 2.99 -1.26 2.40
CA ILE A 441 2.05 -0.52 1.57
C ILE A 441 1.18 0.53 2.31
N TYR A 442 0.57 0.08 3.40
CA TYR A 442 -0.39 0.91 4.11
C TYR A 442 0.25 2.19 4.66
N HIS A 443 1.56 2.16 4.93
N HIS A 443 1.56 2.14 4.91
CA HIS A 443 2.26 3.37 5.35
CA HIS A 443 2.31 3.32 5.34
C HIS A 443 2.48 4.33 4.18
C HIS A 443 2.47 4.31 4.18
N LEU A 444 2.63 3.79 2.98
CA LEU A 444 2.69 4.62 1.78
C LEU A 444 1.34 5.33 1.66
N PHE A 445 0.27 4.58 1.89
CA PHE A 445 -1.05 5.20 1.96
C PHE A 445 -1.12 6.32 3.02
N ASP A 446 -0.55 6.06 4.20
CA ASP A 446 -0.52 7.06 5.27
C ASP A 446 0.17 8.35 4.84
N GLN A 447 1.39 8.23 4.34
CA GLN A 447 2.14 9.38 3.85
C GLN A 447 1.37 10.15 2.78
N PHE A 448 0.78 9.40 1.84
CA PHE A 448 -0.01 10.04 0.78
C PHE A 448 -1.18 10.85 1.32
N THR A 449 -1.98 10.24 2.19
CA THR A 449 -3.13 10.94 2.77
C THR A 449 -2.73 12.14 3.61
N LYS A 450 -1.62 12.02 4.34
CA LYS A 450 -1.10 13.15 5.11
C LYS A 450 -0.77 14.31 4.17
N HIS A 451 -0.03 14.00 3.11
CA HIS A 451 0.30 14.95 2.06
C HIS A 451 -0.94 15.65 1.49
N MET A 452 -1.95 14.86 1.10
CA MET A 452 -3.17 15.41 0.53
C MET A 452 -3.95 16.26 1.52
N GLN A 453 -3.89 15.88 2.79
CA GLN A 453 -4.51 16.67 3.86
C GLN A 453 -3.85 18.04 3.95
N GLU A 454 -2.52 18.04 3.94
CA GLU A 454 -1.77 19.30 3.94
C GLU A 454 -2.17 20.18 2.76
N GLN A 455 -2.21 19.59 1.57
CA GLN A 455 -2.52 20.35 0.37
C GLN A 455 -3.91 20.95 0.45
N LEU A 456 -4.87 20.17 0.95
CA LEU A 456 -6.23 20.67 1.12
C LEU A 456 -6.31 21.81 2.13
N GLU A 457 -5.57 21.69 3.23
CA GLU A 457 -5.58 22.72 4.25
C GLU A 457 -5.05 24.02 3.66
N LYS A 458 -4.01 23.91 2.84
CA LYS A 458 -3.46 25.04 2.11
C LYS A 458 -4.53 25.66 1.19
N LYS A 459 -5.21 24.78 0.44
CA LYS A 459 -6.26 25.22 -0.47
C LYS A 459 -7.41 25.89 0.27
N LYS A 460 -7.75 25.37 1.45
CA LYS A 460 -8.87 25.94 2.19
C LYS A 460 -8.53 27.31 2.76
N GLU A 461 -7.26 27.52 3.12
CA GLU A 461 -6.86 28.84 3.59
C GLU A 461 -6.82 29.85 2.43
N GLU A 462 -6.28 29.42 1.30
CA GLU A 462 -6.23 30.30 0.13
C GLU A 462 -7.65 30.65 -0.30
N SER A 463 -8.55 29.68 -0.21
CA SER A 463 -9.95 29.93 -0.53
C SER A 463 -10.58 30.95 0.42
N LYS A 464 -10.24 30.86 1.70
CA LYS A 464 -10.81 31.74 2.70
C LYS A 464 -10.43 33.19 2.42
N MET A 465 -9.20 33.39 2.00
CA MET A 465 -8.71 34.71 1.64
C MET A 465 -9.47 35.25 0.46
N LEU A 466 -9.81 34.36 -0.46
CA LEU A 466 -10.44 34.74 -1.72
C LEU A 466 -11.95 34.82 -1.62
N ALA A 467 -12.51 34.52 -0.45
CA ALA A 467 -13.96 34.55 -0.30
C ALA A 467 -14.41 35.98 -0.04
N VAL A 468 -14.44 36.77 -1.09
CA VAL A 468 -14.76 38.19 -0.98
C VAL A 468 -16.23 38.43 -1.26
N PHE A 469 -16.92 39.00 -0.29
CA PHE A 469 -18.32 39.37 -0.46
C PHE A 469 -18.40 40.78 -1.04
N PRO A 470 -19.45 41.07 -1.84
CA PRO A 470 -19.53 42.36 -2.53
C PRO A 470 -20.04 43.49 -1.64
N CYS A 471 -19.48 44.68 -1.82
CA CYS A 471 -19.97 45.88 -1.17
C CYS A 471 -19.51 47.15 -1.88
N VAL A 472 -20.25 48.24 -1.70
CA VAL A 472 -19.82 49.56 -2.17
C VAL A 472 -19.89 50.54 -1.00
N LEU A 473 -18.81 51.28 -0.78
CA LEU A 473 -18.71 52.14 0.40
C LEU A 473 -18.59 53.61 0.03
N ASN A 474 -19.43 54.45 0.65
CA ASN A 474 -19.37 55.89 0.46
C ASN A 474 -18.71 56.56 1.66
N PRO A 475 -17.58 57.23 1.44
CA PRO A 475 -16.82 57.81 2.55
C PRO A 475 -17.49 59.04 3.14
N VAL A 476 -17.68 59.04 4.46
CA VAL A 476 -18.19 60.19 5.18
C VAL A 476 -17.02 60.92 5.83
N ALA A 477 -16.09 60.18 6.41
CA ALA A 477 -14.95 60.81 7.09
C ALA A 477 -13.64 60.02 7.02
N VAL A 478 -12.52 60.71 7.25
CA VAL A 478 -11.22 60.06 7.36
C VAL A 478 -10.60 60.39 8.71
N PHE A 479 -10.25 59.36 9.47
CA PHE A 479 -9.74 59.54 10.81
C PHE A 479 -8.23 59.34 10.85
N ASN A 480 -7.77 58.29 10.18
CA ASN A 480 -6.33 58.11 9.96
C ASN A 480 -6.05 57.91 8.48
N LYS A 481 -5.27 58.82 7.90
CA LYS A 481 -5.00 58.84 6.47
C LYS A 481 -4.32 57.57 5.98
N THR A 482 -3.43 57.01 6.78
CA THR A 482 -2.76 55.76 6.43
C THR A 482 -2.18 55.01 7.62
N ASN A 483 -1.85 53.74 7.40
CA ASN A 483 -0.99 52.99 8.31
C ASN A 483 -1.41 52.94 9.80
N PRO A 484 -2.63 52.43 10.14
CA PRO A 484 -3.60 51.95 9.15
C PRO A 484 -4.48 53.04 8.59
N ILE A 485 -5.31 52.68 7.61
CA ILE A 485 -6.31 53.63 7.15
C ILE A 485 -7.57 53.43 7.98
N VAL A 486 -8.15 54.51 8.47
CA VAL A 486 -9.43 54.42 9.16
C VAL A 486 -10.43 55.38 8.54
N VAL A 487 -11.54 54.83 8.05
CA VAL A 487 -12.54 55.68 7.41
C VAL A 487 -13.96 55.41 7.87
N GLY A 488 -14.71 56.49 8.06
CA GLY A 488 -16.14 56.39 8.26
C GLY A 488 -16.77 56.31 6.89
N VAL A 489 -17.47 55.21 6.63
CA VAL A 489 -18.13 55.00 5.36
C VAL A 489 -19.59 54.60 5.57
N ASP A 490 -20.41 54.78 4.53
CA ASP A 490 -21.77 54.26 4.53
C ASP A 490 -21.85 53.05 3.60
N VAL A 491 -22.33 51.93 4.13
CA VAL A 491 -22.55 50.76 3.31
C VAL A 491 -23.79 50.99 2.47
N VAL A 492 -23.59 51.46 1.24
CA VAL A 492 -24.70 51.81 0.36
C VAL A 492 -25.24 50.59 -0.42
N ASP A 493 -24.41 49.57 -0.58
CA ASP A 493 -24.83 48.37 -1.31
C ASP A 493 -24.02 47.14 -0.88
N GLY A 494 -24.71 46.02 -0.65
CA GLY A 494 -24.07 44.79 -0.23
C GLY A 494 -23.85 44.75 1.28
N GLN A 495 -22.84 44.01 1.71
CA GLN A 495 -22.44 43.98 3.12
C GLN A 495 -20.93 43.94 3.28
N LEU A 496 -20.41 44.75 4.18
CA LEU A 496 -18.97 44.75 4.48
C LEU A 496 -18.64 43.78 5.59
N LYS A 497 -17.76 42.83 5.30
CA LYS A 497 -17.30 41.84 6.27
C LYS A 497 -15.84 42.06 6.59
N LEU A 498 -15.42 41.60 7.77
CA LEU A 498 -14.01 41.68 8.15
C LEU A 498 -13.16 40.94 7.13
N ASN A 499 -11.91 41.40 6.96
CA ASN A 499 -10.96 40.76 6.04
C ASN A 499 -11.34 40.95 4.56
N THR A 500 -12.26 41.87 4.27
CA THR A 500 -12.59 42.23 2.90
C THR A 500 -11.51 43.14 2.32
N PRO A 501 -10.95 42.76 1.16
CA PRO A 501 -10.01 43.68 0.49
C PRO A 501 -10.79 44.85 -0.08
N ILE A 502 -10.26 46.06 0.08
CA ILE A 502 -10.95 47.27 -0.38
C ILE A 502 -10.12 48.02 -1.41
N ALA A 503 -10.76 48.46 -2.49
CA ALA A 503 -10.07 49.19 -3.55
C ALA A 503 -10.81 50.47 -3.93
N ALA A 504 -10.07 51.47 -4.38
CA ALA A 504 -10.66 52.63 -5.02
C ALA A 504 -10.39 52.52 -6.52
N VAL A 505 -11.21 53.17 -7.34
CA VAL A 505 -11.02 53.11 -8.78
C VAL A 505 -11.04 54.50 -9.41
N LYS A 506 -9.90 54.91 -9.95
CA LYS A 506 -9.80 56.23 -10.57
C LYS A 506 -9.55 56.13 -12.06
N MET A 507 -10.32 56.90 -12.81
CA MET A 507 -10.16 56.97 -14.26
C MET A 507 -9.38 58.23 -14.61
N ASN A 508 -8.28 58.06 -15.34
CA ASN A 508 -7.58 59.20 -15.92
C ASN A 508 -8.26 59.53 -17.25
N PRO A 509 -8.74 60.78 -17.39
CA PRO A 509 -9.49 61.18 -18.58
C PRO A 509 -8.63 61.18 -19.85
N THR A 510 -7.36 61.52 -19.70
CA THR A 510 -6.42 61.60 -20.82
C THR A 510 -6.07 60.22 -21.36
N THR A 511 -5.62 59.33 -20.47
CA THR A 511 -5.26 57.97 -20.86
C THR A 511 -6.50 57.14 -21.20
N GLY A 512 -7.57 57.35 -20.43
CA GLY A 512 -8.78 56.59 -20.60
C GLY A 512 -8.66 55.23 -19.94
N GLN A 513 -7.61 55.06 -19.15
CA GLN A 513 -7.39 53.78 -18.46
C GLN A 513 -7.59 53.92 -16.95
N LYS A 514 -8.05 52.84 -16.34
CA LYS A 514 -8.39 52.83 -14.91
C LYS A 514 -7.16 52.66 -14.04
N GLU A 515 -7.16 53.33 -12.90
CA GLU A 515 -6.12 53.14 -11.90
C GLU A 515 -6.74 52.50 -10.67
N ILE A 516 -6.50 51.20 -10.49
CA ILE A 516 -7.00 50.47 -9.33
C ILE A 516 -6.09 50.73 -8.14
N ILE A 517 -6.67 51.12 -7.01
CA ILE A 517 -5.90 51.44 -5.82
C ILE A 517 -6.31 50.53 -4.66
N SER A 518 -5.50 49.51 -4.39
CA SER A 518 -5.80 48.57 -3.31
C SER A 518 -5.39 49.18 -1.98
N LEU A 519 -6.26 49.06 -0.99
CA LEU A 519 -6.05 49.69 0.31
C LEU A 519 -5.66 48.68 1.37
N GLY A 520 -5.95 47.41 1.11
CA GLY A 520 -5.69 46.36 2.07
C GLY A 520 -6.98 45.68 2.51
N ARG A 521 -6.95 45.01 3.66
CA ARG A 521 -8.12 44.30 4.14
C ARG A 521 -8.69 44.87 5.45
N VAL A 522 -10.01 44.78 5.62
CA VAL A 522 -10.68 45.31 6.79
C VAL A 522 -10.46 44.41 8.01
N THR A 523 -9.70 44.89 8.98
CA THR A 523 -9.37 44.13 10.19
C THR A 523 -10.24 44.51 11.37
N GLY A 524 -10.99 45.60 11.24
CA GLY A 524 -11.85 46.06 12.29
C GLY A 524 -12.99 46.93 11.76
N ILE A 525 -14.20 46.63 12.23
CA ILE A 525 -15.37 47.42 11.88
C ILE A 525 -15.98 47.87 13.19
N GLU A 526 -16.18 49.17 13.36
CA GLU A 526 -16.65 49.68 14.64
C GLU A 526 -17.62 50.85 14.51
N ARG A 527 -18.75 50.77 15.20
CA ARG A 527 -19.66 51.90 15.28
C ARG A 527 -19.69 52.43 16.71
N ASP A 528 -19.31 53.69 16.87
CA ASP A 528 -19.34 54.33 18.18
C ASP A 528 -18.55 53.54 19.22
N HIS A 529 -17.41 53.01 18.82
CA HIS A 529 -16.53 52.30 19.75
C HIS A 529 -16.99 50.90 20.06
N LYS A 530 -17.97 50.41 19.31
CA LYS A 530 -18.49 49.07 19.53
C LYS A 530 -18.05 48.11 18.44
N PRO A 531 -17.45 46.92 18.90
CA PRO A 531 -16.98 46.06 17.80
C PRO A 531 -18.10 45.47 16.95
N LEU A 532 -17.85 45.33 15.66
CA LEU A 532 -18.80 44.75 14.72
C LEU A 532 -18.09 43.81 13.78
N GLN A 533 -18.80 42.74 13.39
CA GLN A 533 -18.25 41.76 12.48
C GLN A 533 -18.64 42.09 11.04
N VAL A 534 -19.89 42.49 10.86
CA VAL A 534 -20.40 42.85 9.55
C VAL A 534 -21.18 44.16 9.59
N CYS A 535 -21.30 44.80 8.43
CA CYS A 535 -22.21 45.94 8.28
C CYS A 535 -22.95 45.88 6.96
N LYS A 536 -24.26 45.64 7.03
CA LYS A 536 -25.09 45.52 5.85
C LYS A 536 -25.52 46.89 5.34
N LYS A 537 -26.15 46.93 4.17
CA LYS A 537 -26.59 48.20 3.60
C LYS A 537 -27.74 48.79 4.42
N GLY A 538 -27.80 50.11 4.46
CA GLY A 538 -28.89 50.78 5.15
C GLY A 538 -28.62 51.01 6.62
N GLN A 539 -27.76 50.18 7.21
CA GLN A 539 -27.37 50.35 8.60
C GLN A 539 -26.49 51.59 8.71
N PRO A 540 -26.48 52.24 9.89
CA PRO A 540 -25.79 53.53 10.02
C PRO A 540 -24.29 53.41 9.76
N ALA A 541 -23.65 54.53 9.44
CA ALA A 541 -22.23 54.55 9.09
C ALA A 541 -21.34 53.88 10.14
N VAL A 542 -20.16 53.46 9.72
CA VAL A 542 -19.19 52.82 10.61
C VAL A 542 -17.77 53.32 10.33
N ALA A 543 -16.91 53.23 11.33
CA ALA A 543 -15.49 53.47 11.12
C ALA A 543 -14.79 52.13 10.92
N ILE A 544 -14.13 51.98 9.79
CA ILE A 544 -13.43 50.75 9.47
C ILE A 544 -11.92 50.95 9.40
N LYS A 545 -11.19 49.96 9.89
CA LYS A 545 -9.73 49.96 9.83
C LYS A 545 -9.27 49.00 8.75
N ILE A 546 -8.55 49.55 7.78
CA ILE A 546 -8.02 48.80 6.66
C ILE A 546 -6.51 48.91 6.73
N GLU A 547 -5.86 47.78 6.96
CA GLU A 547 -4.41 47.73 7.04
C GLU A 547 -3.87 46.61 6.15
N MET A 548 -2.69 46.83 5.59
CA MET A 548 -1.99 45.84 4.81
C MET A 548 -0.51 45.85 5.15
N GLY A 549 0.15 44.72 4.97
CA GLY A 549 1.57 44.60 5.26
C GLY A 549 2.41 45.50 4.37
N GLY A 550 2.03 45.56 3.10
CA GLY A 550 2.74 46.36 2.12
C GLY A 550 2.46 47.82 2.38
N HIS A 551 3.26 48.71 1.81
CA HIS A 551 3.06 50.12 2.03
C HIS A 551 1.65 50.47 1.56
N GLN A 552 0.96 51.27 2.36
CA GLN A 552 -0.44 51.58 2.13
C GLN A 552 -0.51 53.00 1.62
N PRO A 553 -1.27 53.23 0.55
CA PRO A 553 -1.37 54.57 -0.03
C PRO A 553 -2.02 55.56 0.94
N ALA A 554 -1.46 56.76 1.04
CA ALA A 554 -2.01 57.80 1.90
C ALA A 554 -3.26 58.42 1.30
N TYR A 555 -4.27 58.63 2.14
CA TYR A 555 -5.52 59.16 1.66
C TYR A 555 -5.35 60.53 1.08
N GLY A 556 -4.62 61.40 1.76
CA GLY A 556 -4.46 62.75 1.28
C GLY A 556 -3.73 62.88 -0.03
N ARG A 557 -2.61 62.18 -0.16
CA ARG A 557 -1.79 62.27 -1.36
C ARG A 557 -2.41 61.69 -2.64
N HIS A 558 -2.96 60.50 -2.53
CA HIS A 558 -3.47 59.77 -3.69
C HIS A 558 -4.97 59.52 -3.61
N LEU A 559 -5.60 60.05 -2.58
CA LEU A 559 -6.99 59.73 -2.32
C LEU A 559 -7.83 60.95 -2.02
N ASP A 560 -9.13 60.78 -2.18
CA ASP A 560 -10.06 61.81 -1.76
C ASP A 560 -11.17 61.12 -1.02
N GLU A 561 -11.83 61.87 -0.15
CA GLU A 561 -13.01 61.37 0.54
C GLU A 561 -13.99 61.08 -0.57
N LYS A 562 -13.96 61.92 -1.59
CA LYS A 562 -14.89 61.82 -2.71
C LYS A 562 -14.82 60.43 -3.35
N ASP A 563 -13.63 59.85 -3.41
CA ASP A 563 -13.49 58.57 -4.09
C ASP A 563 -14.27 57.47 -3.40
N VAL A 564 -15.06 56.74 -4.17
CA VAL A 564 -15.85 55.64 -3.64
C VAL A 564 -15.01 54.37 -3.46
N LEU A 565 -15.45 53.49 -2.56
CA LEU A 565 -14.70 52.28 -2.28
C LEU A 565 -15.50 51.02 -2.54
N TYR A 566 -14.89 50.07 -3.24
CA TYR A 566 -15.54 48.81 -3.57
C TYR A 566 -14.77 47.61 -3.03
N SER A 567 -15.49 46.57 -2.65
CA SER A 567 -14.88 45.30 -2.28
C SER A 567 -14.08 44.84 -3.49
N HIS A 568 -12.81 44.53 -3.30
CA HIS A 568 -11.94 44.19 -4.42
C HIS A 568 -12.14 42.75 -4.92
N ILE A 569 -13.22 42.54 -5.66
CA ILE A 569 -13.55 41.24 -6.21
C ILE A 569 -12.61 40.84 -7.33
N SER A 570 -12.42 39.54 -7.50
CA SER A 570 -11.55 39.00 -8.52
C SER A 570 -12.22 37.85 -9.23
N ARG A 571 -11.78 37.55 -10.44
CA ARG A 571 -12.35 36.44 -11.18
C ARG A 571 -12.11 35.20 -10.35
N ALA A 572 -10.93 35.13 -9.76
CA ALA A 572 -10.60 34.08 -8.80
C ALA A 572 -11.52 34.20 -7.61
N SER A 573 -11.78 35.44 -7.18
CA SER A 573 -12.64 35.70 -6.04
C SER A 573 -14.06 35.23 -6.32
N ILE A 574 -14.57 35.54 -7.50
CA ILE A 574 -15.93 35.19 -7.86
C ILE A 574 -16.09 33.67 -7.90
N ASP A 575 -15.08 32.99 -8.41
CA ASP A 575 -15.13 31.55 -8.55
C ASP A 575 -15.28 30.88 -7.19
N VAL A 576 -14.56 31.40 -6.20
CA VAL A 576 -14.60 30.81 -4.87
C VAL A 576 -16.00 30.89 -4.27
N LEU A 577 -16.67 32.02 -4.47
CA LEU A 577 -18.00 32.20 -3.93
C LEU A 577 -18.96 31.20 -4.54
N LYS A 578 -18.87 31.03 -5.85
CA LYS A 578 -19.75 30.11 -6.54
C LYS A 578 -19.55 28.67 -6.08
N GLN A 579 -18.28 28.28 -5.94
CA GLN A 579 -17.95 26.92 -5.56
C GLN A 579 -18.41 26.50 -4.16
N PHE A 580 -18.21 27.38 -3.18
CA PHE A 580 -18.51 27.00 -1.80
C PHE A 580 -19.60 27.80 -1.08
N TYR A 581 -19.83 29.02 -1.54
CA TYR A 581 -20.75 29.91 -0.83
C TYR A 581 -22.12 30.11 -1.48
N ARG A 582 -22.40 29.34 -2.53
CA ARG A 582 -23.63 29.52 -3.27
C ARG A 582 -24.85 29.48 -2.35
N ASP A 583 -24.82 28.59 -1.37
CA ASP A 583 -25.91 28.50 -0.38
C ASP A 583 -26.01 29.78 0.43
N VAL A 584 -24.87 30.36 0.76
CA VAL A 584 -24.79 31.55 1.61
C VAL A 584 -25.15 32.88 0.96
N VAL A 585 -24.68 33.10 -0.27
CA VAL A 585 -24.79 34.41 -0.91
C VAL A 585 -26.19 34.76 -1.37
N THR A 586 -26.54 36.04 -1.37
CA THR A 586 -27.88 36.40 -1.82
C THR A 586 -27.91 36.82 -3.29
N THR A 587 -29.11 37.12 -3.79
CA THR A 587 -29.33 37.46 -5.18
C THR A 587 -28.86 38.89 -5.53
N ASP A 588 -29.16 39.82 -4.62
CA ASP A 588 -28.77 41.21 -4.81
C ASP A 588 -27.26 41.31 -4.72
N GLU A 589 -26.67 40.47 -3.87
CA GLU A 589 -25.22 40.35 -3.77
C GLU A 589 -24.63 39.88 -5.10
N TRP A 590 -25.30 38.93 -5.77
CA TRP A 590 -24.84 38.50 -7.10
C TRP A 590 -24.93 39.63 -8.15
N GLN A 591 -26.06 40.36 -8.16
CA GLN A 591 -26.17 41.51 -9.06
C GLN A 591 -25.04 42.51 -8.85
N LEU A 592 -24.78 42.82 -7.58
CA LEU A 592 -23.69 43.71 -7.22
C LEU A 592 -22.37 43.15 -7.75
N ILE A 593 -22.20 41.83 -7.63
CA ILE A 593 -21.02 41.16 -8.16
C ILE A 593 -20.85 41.47 -9.64
N ILE A 594 -21.90 41.28 -10.43
CA ILE A 594 -21.85 41.60 -11.86
C ILE A 594 -21.47 43.06 -12.16
N LYS A 595 -22.14 43.98 -11.47
CA LYS A 595 -21.81 45.40 -11.61
C LYS A 595 -20.33 45.66 -11.35
N LEU A 596 -19.82 45.03 -10.29
CA LEU A 596 -18.43 45.17 -9.89
C LEU A 596 -17.48 44.55 -10.92
N LYS A 597 -17.93 43.47 -11.56
CA LYS A 597 -17.19 42.87 -12.66
C LYS A 597 -17.00 43.95 -13.70
N SER A 598 -18.06 44.72 -13.94
CA SER A 598 -17.89 45.87 -14.83
C SER A 598 -16.87 46.89 -14.28
N VAL A 599 -16.97 47.24 -13.00
CA VAL A 599 -16.05 48.27 -12.46
C VAL A 599 -14.58 47.85 -12.37
N PHE A 600 -14.33 46.54 -12.21
CA PHE A 600 -12.96 46.07 -12.07
C PHE A 600 -12.41 45.38 -13.34
N ASP A 601 -13.06 45.62 -14.48
CA ASP A 601 -12.61 45.09 -15.77
C ASP A 601 -12.41 43.57 -15.77
N VAL A 602 -13.38 42.83 -15.24
CA VAL A 602 -13.28 41.38 -15.16
C VAL A 602 -14.15 40.71 -16.23
N GLN A 603 -13.60 39.72 -16.91
CA GLN A 603 -14.37 38.94 -17.88
C GLN A 603 -15.21 37.88 -17.18
#